data_1MMJ
#
_entry.id   1MMJ
#
_cell.length_a   51.29
_cell.length_b   58.31
_cell.length_c   75.52
_cell.angle_alpha   90.00
_cell.angle_beta   90.00
_cell.angle_gamma   90.00
#
_symmetry.space_group_name_H-M   'P 21 21 21'
#
loop_
_entity.id
_entity.type
_entity.pdbx_description
1 polymer 'elastase 1'
2 non-polymer 'SULFATE ION'
3 non-polymer 'CALCIUM ION'
4 non-polymer '2-[4-[[(S)-1-[[(S)-2-[[(RS)-3,3,3-TRIFLUORO-1-ISOPROPYL-2-OXOPROPYL]AMINOCARBONYL]PYRROLIDIN-1-YL-]CARBONYL]-2-METHYLPROPYL]AMINOCARBONYL]BENZOYLAMINO]ACETIC ACID'
5 water water
#
_entity_poly.entity_id   1
_entity_poly.type   'polypeptide(L)'
_entity_poly.pdbx_seq_one_letter_code
;VVGGTEAQRNSWPSQISLQYRSGSSWAHTCGGTLIRQNWVMTAAHCVDRELTFRVVVGEHNLNQNDGTEQYVGVQKIVVH
PYWNTDDVAAGYDIALLRLAQSVTLNSYVQLGVLPRAGTILANNSPCYITGWGLTRTNGQLAQTLQQAYLPTVDYAICSS
SSYWGSTVKNSMVCAGGDGVRSGCQGDSGGPLHCLVNGQYAVHGVTSFVSRLGCNVTRKPTVFTRVSAYISWINNVIASN
;
_entity_poly.pdbx_strand_id   N
#
# COMPACT_ATOMS: atom_id res chain seq x y z
N VAL A 1 -3.87 -4.43 9.28
CA VAL A 1 -3.87 -5.83 8.76
C VAL A 1 -4.47 -6.82 9.90
N VAL A 2 -5.63 -7.39 9.44
CA VAL A 2 -6.38 -8.23 10.42
C VAL A 2 -5.72 -9.64 10.18
N GLY A 3 -5.63 -10.40 11.24
CA GLY A 3 -5.05 -11.70 11.16
C GLY A 3 -3.59 -11.76 10.75
N GLY A 4 -2.90 -10.70 10.95
CA GLY A 4 -1.44 -10.73 10.73
C GLY A 4 -0.52 -11.28 11.80
N THR A 5 0.74 -11.29 11.47
CA THR A 5 1.80 -11.50 12.44
C THR A 5 2.80 -10.32 12.39
N GLU A 6 3.51 -9.97 13.47
CA GLU A 6 4.52 -8.97 13.29
C GLU A 6 5.76 -9.38 12.55
N ALA A 7 6.11 -8.45 11.73
CA ALA A 7 7.19 -8.70 10.78
C ALA A 7 8.59 -8.57 11.45
N GLN A 8 9.65 -9.21 10.97
CA GLN A 8 11.02 -8.87 11.44
C GLN A 8 11.49 -7.52 11.02
N ARG A 9 12.47 -6.90 11.73
CA ARG A 9 12.65 -5.42 11.54
C ARG A 9 13.20 -5.18 10.11
N ASN A 10 13.98 -6.17 9.60
CA ASN A 10 14.52 -5.96 8.29
C ASN A 10 13.74 -6.77 7.18
N SER A 11 12.56 -7.32 7.42
CA SER A 11 12.07 -7.98 6.18
C SER A 11 11.58 -7.22 4.92
N TRP A 12 11.06 -6.03 5.01
CA TRP A 12 10.12 -5.26 4.03
C TRP A 12 10.56 -3.78 4.06
N PRO A 13 11.85 -3.54 3.68
CA PRO A 13 12.53 -2.23 3.87
C PRO A 13 12.09 -1.07 3.01
N SER A 14 11.28 -1.41 1.99
CA SER A 14 10.60 -0.35 1.19
C SER A 14 9.34 0.18 1.83
N GLN A 15 8.83 -0.55 2.90
CA GLN A 15 7.63 -0.02 3.69
C GLN A 15 7.78 1.43 4.31
N ILE A 16 6.82 2.28 4.08
CA ILE A 16 6.86 3.58 4.71
C ILE A 16 5.53 3.86 5.49
N SER A 17 5.69 4.83 6.45
CA SER A 17 4.48 5.24 7.14
C SER A 17 4.18 6.66 6.64
N LEU A 18 2.99 6.78 6.15
CA LEU A 18 2.67 8.20 5.75
C LEU A 18 1.82 8.83 6.82
N GLN A 19 2.29 10.01 7.24
CA GLN A 19 1.67 10.61 8.40
C GLN A 19 1.16 12.09 8.13
N TYR A 20 0.17 12.45 8.97
CA TYR A 20 -0.11 13.87 9.10
C TYR A 20 0.05 14.51 10.46
N ARG A 21 0.23 15.80 10.09
CA ARG A 21 0.10 16.77 11.27
C ARG A 21 -1.26 16.90 12.03
N SER A 22 -1.30 16.53 13.34
CA SER A 22 -2.54 16.13 14.02
C SER A 22 -2.86 16.79 15.32
N GLY A 23 -1.74 17.27 15.85
CA GLY A 23 -1.63 18.72 15.76
C GLY A 23 -1.63 19.23 17.19
N SER A 24 -0.41 19.68 17.41
CA SER A 24 0.71 19.05 18.22
C SER A 24 1.51 17.74 18.04
N SER A 25 0.88 16.72 17.52
CA SER A 25 1.90 15.63 17.13
C SER A 25 1.73 15.03 15.75
N TRP A 26 2.07 13.77 15.54
CA TRP A 26 1.78 13.31 14.17
C TRP A 26 1.11 12.01 14.31
N ALA A 27 0.43 11.70 13.26
CA ALA A 27 -0.46 10.58 13.14
C ALA A 27 -0.30 9.81 11.83
N HIS A 28 0.09 8.53 12.06
CA HIS A 28 0.04 7.65 10.82
C HIS A 28 -1.32 7.73 10.07
N THR A 29 -1.40 7.99 8.77
CA THR A 29 -2.73 7.68 8.21
C THR A 29 -2.70 6.53 7.05
N CYS A 30 -1.54 6.34 6.48
CA CYS A 30 -1.46 5.25 5.45
C CYS A 30 -0.08 4.79 5.38
N GLY A 31 0.03 3.84 4.50
CA GLY A 31 1.35 3.12 4.16
C GLY A 31 1.72 3.82 2.76
N GLY A 32 2.85 3.37 2.30
CA GLY A 32 3.52 3.78 1.01
C GLY A 32 4.71 2.76 0.75
N THR A 33 5.25 2.88 -0.48
CA THR A 33 6.50 2.10 -0.73
C THR A 33 7.54 3.13 -1.31
N LEU A 34 8.74 3.11 -0.70
CA LEU A 34 9.93 3.78 -1.24
C LEU A 34 10.22 3.22 -2.68
N ILE A 35 10.14 4.08 -3.71
CA ILE A 35 10.47 3.59 -5.09
C ILE A 35 11.67 4.39 -5.66
N ARG A 36 11.93 5.59 -5.15
CA ARG A 36 13.27 6.24 -5.34
C ARG A 36 13.65 6.94 -4.04
N GLN A 37 14.88 7.56 -4.00
CA GLN A 37 15.30 7.95 -2.74
C GLN A 37 14.70 9.18 -2.35
N ASN A 38 13.81 9.77 -3.20
CA ASN A 38 13.10 11.05 -3.13
C ASN A 38 11.68 10.99 -3.64
N TRP A 39 11.25 9.65 -3.70
CA TRP A 39 9.99 9.37 -4.26
C TRP A 39 9.34 8.16 -3.57
N VAL A 40 8.10 8.36 -3.24
CA VAL A 40 7.29 7.34 -2.73
C VAL A 40 5.93 7.23 -3.40
N MET A 41 5.51 5.96 -3.47
CA MET A 41 4.25 5.50 -4.14
C MET A 41 3.21 5.20 -3.01
N THR A 42 2.00 5.87 -3.12
CA THR A 42 0.93 5.54 -2.15
C THR A 42 -0.47 5.65 -2.84
N ALA A 43 -1.57 5.63 -2.04
CA ALA A 43 -2.91 5.63 -2.81
C ALA A 43 -3.46 7.02 -3.05
N ALA A 44 -4.09 7.35 -4.23
CA ALA A 44 -4.52 8.79 -4.37
C ALA A 44 -5.45 9.15 -3.19
N HIS A 45 -6.22 8.18 -2.65
CA HIS A 45 -7.20 8.76 -1.67
C HIS A 45 -6.48 9.02 -0.28
N CYS A 46 -5.18 8.68 -0.08
CA CYS A 46 -4.59 9.00 1.25
C CYS A 46 -4.07 10.43 1.30
N VAL A 47 -3.90 10.94 0.03
CA VAL A 47 -3.56 12.37 -0.08
C VAL A 47 -4.55 13.37 -0.68
N ASP A 48 -5.82 12.96 -0.46
CA ASP A 48 -7.03 13.67 -0.92
C ASP A 48 -7.52 15.09 -0.36
N ARG A 49 -6.78 15.55 0.60
CA ARG A 49 -7.23 16.17 1.77
C ARG A 49 -6.32 17.40 2.09
N GLU A 50 -6.86 18.44 2.66
CA GLU A 50 -5.87 19.39 3.03
C GLU A 50 -5.26 19.13 4.46
N LEU A 51 -4.08 18.44 4.48
CA LEU A 51 -3.32 18.21 5.73
C LEU A 51 -1.92 18.42 5.29
N THR A 52 -0.98 18.61 6.29
CA THR A 52 0.50 18.47 6.11
C THR A 52 1.01 17.08 6.25
N PHE A 53 1.84 16.60 5.33
CA PHE A 53 2.29 15.18 5.26
C PHE A 53 3.80 15.06 5.65
N ARG A 54 4.09 13.97 6.32
CA ARG A 54 5.53 13.58 6.37
C ARG A 54 5.62 12.12 6.10
N VAL A 55 6.82 11.80 5.63
CA VAL A 55 7.04 10.39 5.58
C VAL A 55 8.14 9.92 6.50
N VAL A 56 7.99 8.71 7.05
CA VAL A 56 8.98 7.99 7.98
C VAL A 56 9.33 6.65 7.39
N VAL A 57 10.60 6.72 7.07
CA VAL A 57 11.28 5.48 6.59
C VAL A 57 12.16 4.80 7.77
N GLY A 58 12.33 3.48 7.62
CA GLY A 58 13.14 2.77 8.73
C GLY A 58 12.38 2.59 10.01
N GLU A 59 11.02 2.65 9.82
CA GLU A 59 10.00 2.60 10.88
C GLU A 59 9.60 1.14 11.06
N HIS A 60 9.63 0.65 12.38
CA HIS A 60 9.14 -0.67 12.81
C HIS A 60 7.99 -0.46 13.82
N ASN A 61 8.22 0.32 14.98
CA ASN A 61 7.16 0.65 15.98
C ASN A 61 6.77 2.12 15.92
N LEU A 62 5.46 2.45 15.76
CA LEU A 62 5.11 3.82 15.45
C LEU A 62 5.29 4.74 16.67
N ASN A 63 5.15 4.03 17.78
CA ASN A 63 5.60 4.54 19.05
C ASN A 63 6.99 4.09 19.44
N GLN A 64 7.51 4.20 20.58
CA GLN A 64 8.92 3.67 20.53
C GLN A 64 9.97 4.08 19.44
N ASN A 65 11.00 4.74 19.89
CA ASN A 65 12.23 4.85 19.16
C ASN A 65 12.95 3.58 18.71
N ASP A 66 13.07 3.52 17.39
CA ASP A 66 13.68 2.27 16.91
C ASP A 66 15.17 2.29 16.81
N GLY A 67 15.72 3.56 16.75
CA GLY A 67 17.17 3.63 16.42
C GLY A 67 17.47 3.66 14.91
N THR A 68 16.46 3.39 14.07
CA THR A 68 16.58 3.30 12.62
C THR A 68 15.82 4.27 11.71
N GLU A 69 15.11 5.26 12.31
CA GLU A 69 14.10 6.12 11.64
C GLU A 69 14.83 7.30 10.95
N GLN A 70 14.28 7.53 9.69
CA GLN A 70 14.38 8.87 9.11
C GLN A 70 13.18 9.55 8.66
N TYR A 71 13.07 10.83 9.09
CA TYR A 71 11.84 11.59 8.96
C TYR A 71 12.09 12.76 7.96
N VAL A 72 11.17 12.83 6.94
CA VAL A 72 11.37 13.63 5.76
C VAL A 72 10.07 14.17 5.24
N GLY A 73 10.08 15.48 5.01
CA GLY A 73 8.90 16.12 4.51
C GLY A 73 8.46 15.92 3.10
N VAL A 74 7.14 16.16 2.81
CA VAL A 74 6.73 16.01 1.41
C VAL A 74 6.56 17.40 0.73
N GLN A 75 7.28 17.43 -0.38
CA GLN A 75 7.47 18.64 -1.19
C GLN A 75 6.36 18.89 -2.31
N LYS A 76 5.73 17.74 -2.77
CA LYS A 76 5.09 17.68 -4.05
C LYS A 76 4.29 16.47 -4.16
N ILE A 77 2.94 16.64 -4.35
CA ILE A 77 2.01 15.50 -4.53
C ILE A 77 1.50 15.48 -6.02
N VAL A 78 1.79 14.41 -6.80
CA VAL A 78 1.18 14.11 -8.11
C VAL A 78 0.21 12.88 -8.04
N VAL A 79 -1.09 13.34 -8.13
CA VAL A 79 -2.21 12.31 -8.13
C VAL A 79 -2.47 11.85 -9.51
N HIS A 80 -2.78 10.58 -9.81
CA HIS A 80 -3.30 10.32 -11.22
C HIS A 80 -4.35 11.32 -11.70
N PRO A 81 -4.04 11.84 -12.95
CA PRO A 81 -5.11 12.79 -13.50
C PRO A 81 -6.52 12.26 -13.57
N TYR A 82 -6.65 10.90 -13.80
CA TYR A 82 -8.07 10.42 -13.71
C TYR A 82 -8.67 10.00 -12.31
N TRP A 83 -7.94 9.95 -11.21
CA TRP A 83 -8.55 9.74 -9.93
C TRP A 83 -9.84 10.68 -9.66
N ASN A 84 -10.90 10.05 -9.21
CA ASN A 84 -11.96 10.94 -8.76
C ASN A 84 -12.37 10.45 -7.43
N THR A 85 -12.11 11.42 -6.53
CA THR A 85 -12.44 11.16 -5.08
C THR A 85 -13.70 10.58 -4.74
N ASP A 86 -14.69 10.94 -5.47
CA ASP A 86 -15.99 10.25 -5.28
C ASP A 86 -16.22 8.80 -5.53
N ASP A 87 -15.26 8.19 -6.28
CA ASP A 87 -15.42 6.91 -6.97
C ASP A 87 -14.17 5.97 -6.77
N VAL A 88 -13.93 5.42 -5.54
CA VAL A 88 -12.77 4.47 -5.50
C VAL A 88 -12.88 3.32 -6.51
N ALA A 89 -14.16 3.07 -6.86
CA ALA A 89 -14.28 1.91 -7.69
C ALA A 89 -14.05 2.08 -9.17
N ALA A 90 -14.03 3.36 -9.62
CA ALA A 90 -13.43 3.55 -10.95
C ALA A 90 -11.97 3.16 -11.20
N GLY A 91 -11.12 3.21 -10.04
CA GLY A 91 -9.66 2.93 -10.00
C GLY A 91 -8.84 4.27 -10.17
N TYR A 92 -7.60 4.25 -10.63
CA TYR A 92 -6.69 5.28 -10.64
C TYR A 92 -6.26 5.66 -9.23
N ASP A 93 -6.32 4.63 -8.37
CA ASP A 93 -6.15 5.14 -7.01
C ASP A 93 -4.63 5.03 -6.72
N ILE A 94 -4.00 6.13 -7.16
CA ILE A 94 -2.52 6.07 -7.17
C ILE A 94 -1.94 7.43 -7.10
N ALA A 95 -0.87 7.63 -6.27
CA ALA A 95 -0.17 8.94 -6.21
C ALA A 95 1.33 8.84 -5.90
N LEU A 96 2.09 9.76 -6.46
CA LEU A 96 3.47 9.83 -6.12
C LEU A 96 3.76 11.14 -5.32
N LEU A 97 4.73 10.94 -4.50
CA LEU A 97 4.99 12.04 -3.53
C LEU A 97 6.52 12.14 -3.58
N ARG A 98 6.89 13.43 -4.05
CA ARG A 98 8.21 13.99 -3.95
C ARG A 98 8.57 14.55 -2.58
N LEU A 99 9.63 13.87 -2.01
CA LEU A 99 10.16 14.15 -0.66
C LEU A 99 11.07 15.31 -0.67
N ALA A 100 11.20 15.92 0.41
CA ALA A 100 12.03 17.04 0.46
C ALA A 100 13.59 16.86 0.31
N GLN A 101 14.11 15.71 0.68
CA GLN A 101 15.51 15.43 0.36
C GLN A 101 15.46 13.97 0.22
N SER A 102 16.49 13.34 -0.44
CA SER A 102 16.56 11.89 -0.46
C SER A 102 17.01 11.22 0.78
N VAL A 103 16.35 10.23 1.32
CA VAL A 103 16.84 9.27 2.32
C VAL A 103 18.18 8.50 2.01
N THR A 104 18.89 8.14 3.02
CA THR A 104 19.95 7.17 2.79
C THR A 104 19.57 5.67 2.89
N LEU A 105 20.16 4.91 2.05
CA LEU A 105 19.77 3.56 2.10
C LEU A 105 20.75 2.85 2.95
N ASN A 106 20.17 1.81 3.62
CA ASN A 106 20.70 0.80 4.54
C ASN A 106 19.93 -0.54 4.59
N SER A 107 19.99 -1.18 5.74
CA SER A 107 19.26 -2.45 5.80
C SER A 107 17.79 -2.45 6.12
N TYR A 108 17.33 -1.30 6.66
CA TYR A 108 15.92 -0.99 6.99
C TYR A 108 15.23 0.00 5.89
N VAL A 109 16.05 0.63 5.10
CA VAL A 109 15.54 1.52 4.11
C VAL A 109 15.95 1.10 2.72
N GLN A 110 15.07 0.54 1.84
CA GLN A 110 15.57 0.08 0.54
C GLN A 110 14.67 0.34 -0.61
N LEU A 111 15.03 0.42 -1.88
CA LEU A 111 13.97 0.69 -2.82
C LEU A 111 13.05 -0.50 -3.17
N GLY A 112 11.76 -0.15 -3.29
CA GLY A 112 10.78 -1.16 -3.67
C GLY A 112 11.09 -1.72 -5.08
N VAL A 113 11.16 -3.01 -5.30
CA VAL A 113 11.07 -3.40 -6.77
C VAL A 113 9.65 -3.47 -7.48
N LEU A 114 9.52 -2.79 -8.61
CA LEU A 114 8.27 -2.72 -9.42
C LEU A 114 8.24 -3.80 -10.59
N PRO A 115 7.06 -4.40 -10.83
CA PRO A 115 6.88 -5.40 -11.90
C PRO A 115 7.06 -4.72 -13.25
N ARG A 116 7.33 -5.59 -14.26
CA ARG A 116 7.32 -5.08 -15.70
C ARG A 116 5.90 -4.64 -16.02
N ALA A 117 5.76 -3.48 -16.68
CA ALA A 117 4.47 -3.15 -17.31
C ALA A 117 3.54 -4.24 -17.84
N GLY A 118 2.16 -4.25 -17.60
CA GLY A 118 1.52 -5.47 -18.14
C GLY A 118 1.46 -6.88 -17.45
N THR A 119 2.33 -7.11 -16.46
CA THR A 119 2.35 -8.38 -15.82
C THR A 119 1.16 -8.61 -15.06
N ILE A 120 0.72 -9.81 -15.20
CA ILE A 120 -0.35 -10.26 -14.38
C ILE A 120 0.03 -11.61 -13.70
N LEU A 121 -0.29 -11.52 -12.44
CA LEU A 121 -0.19 -12.83 -11.65
C LEU A 121 -1.24 -13.97 -11.93
N ALA A 122 -0.80 -15.25 -11.93
CA ALA A 122 -1.68 -16.38 -11.86
C ALA A 122 -2.57 -16.42 -10.68
N ASN A 123 -3.74 -17.08 -10.74
CA ASN A 123 -4.37 -17.34 -9.47
C ASN A 123 -3.55 -18.04 -8.41
N ASN A 124 -3.81 -17.57 -7.20
CA ASN A 124 -3.27 -18.11 -6.03
C ASN A 124 -1.80 -17.95 -5.94
N SER A 125 -1.31 -16.79 -6.46
CA SER A 125 0.04 -16.29 -6.32
C SER A 125 0.44 -16.05 -4.85
N PRO A 126 1.71 -16.49 -4.49
CA PRO A 126 2.18 -16.06 -3.14
C PRO A 126 2.52 -14.50 -2.90
N CYS A 127 1.80 -13.89 -2.02
CA CYS A 127 2.00 -12.43 -1.83
C CYS A 127 1.71 -12.08 -0.31
N TYR A 128 2.37 -11.11 0.22
CA TYR A 128 2.22 -10.63 1.63
C TYR A 128 1.53 -9.17 1.67
N ILE A 129 0.44 -8.86 2.49
CA ILE A 129 0.36 -7.46 2.66
C ILE A 129 1.13 -7.05 3.91
N THR A 130 1.66 -5.75 3.92
CA THR A 130 2.19 -5.29 5.21
C THR A 130 1.64 -3.91 5.63
N GLY A 131 1.63 -3.62 6.95
CA GLY A 131 1.10 -2.31 7.31
C GLY A 131 0.81 -2.20 8.85
N TRP A 132 0.53 -0.96 9.17
CA TRP A 132 0.08 -0.71 10.54
C TRP A 132 -1.43 -0.52 10.86
N GLY A 133 -2.25 -0.82 9.78
CA GLY A 133 -3.65 -0.47 9.76
C GLY A 133 -4.33 -1.24 10.91
N LEU A 134 -5.61 -1.03 11.09
CA LEU A 134 -6.37 -1.73 12.17
C LEU A 134 -6.21 -3.25 12.10
N THR A 135 -5.94 -3.76 13.28
CA THR A 135 -5.99 -5.22 13.34
C THR A 135 -7.33 -6.00 13.55
N ARG A 136 -8.45 -5.20 13.70
CA ARG A 136 -9.76 -5.72 13.56
C ARG A 136 -10.64 -4.59 12.92
N THR A 137 -11.78 -5.04 12.32
CA THR A 137 -12.85 -4.07 11.90
C THR A 137 -13.19 -3.34 13.15
N ASN A 138 -13.10 -2.03 12.99
CA ASN A 138 -13.61 -1.02 13.93
C ASN A 138 -12.85 -1.07 15.20
N GLY A 139 -11.56 -1.65 14.99
CA GLY A 139 -10.57 -1.66 16.04
C GLY A 139 -9.59 -0.48 16.17
N GLN A 140 -8.35 -1.00 16.46
CA GLN A 140 -7.15 -0.07 16.58
C GLN A 140 -5.90 -0.39 15.75
N LEU A 141 -5.02 0.64 15.48
CA LEU A 141 -3.83 0.56 14.64
C LEU A 141 -2.87 -0.39 15.29
N ALA A 142 -2.06 -1.11 14.51
CA ALA A 142 -1.03 -1.90 15.21
C ALA A 142 0.03 -0.93 15.62
N GLN A 143 0.74 -1.35 16.65
CA GLN A 143 1.91 -0.51 16.96
C GLN A 143 3.12 -1.01 16.25
N THR A 144 3.12 -2.21 15.85
CA THR A 144 4.18 -2.80 15.15
C THR A 144 3.82 -3.25 13.71
N LEU A 145 4.79 -3.16 12.77
CA LEU A 145 4.49 -3.57 11.43
C LEU A 145 3.96 -5.01 11.50
N GLN A 146 2.73 -5.18 10.93
CA GLN A 146 2.19 -6.52 10.70
C GLN A 146 2.26 -6.97 9.25
N GLN A 147 2.30 -8.28 9.02
CA GLN A 147 2.24 -8.76 7.68
C GLN A 147 1.30 -9.96 7.68
N ALA A 148 0.65 -10.31 6.51
CA ALA A 148 -0.31 -11.38 6.38
C ALA A 148 -0.16 -11.94 5.01
N TYR A 149 -0.03 -13.25 4.97
CA TYR A 149 -0.03 -14.01 3.65
C TYR A 149 -1.44 -13.91 2.98
N LEU A 150 -1.47 -13.20 1.82
CA LEU A 150 -2.73 -12.96 0.99
C LEU A 150 -2.55 -13.35 -0.53
N PRO A 151 -2.87 -14.58 -0.95
CA PRO A 151 -2.58 -14.89 -2.35
C PRO A 151 -3.68 -14.40 -3.24
N THR A 152 -3.21 -14.43 -4.46
CA THR A 152 -4.07 -13.56 -5.37
C THR A 152 -5.30 -14.24 -5.81
N VAL A 153 -6.40 -13.46 -5.87
CA VAL A 153 -7.52 -14.00 -6.58
C VAL A 153 -7.74 -13.36 -7.94
N ASP A 154 -7.70 -14.16 -9.01
CA ASP A 154 -7.50 -13.57 -10.31
C ASP A 154 -8.71 -12.78 -10.80
N TYR A 155 -8.53 -11.95 -11.80
CA TYR A 155 -9.72 -11.17 -12.30
C TYR A 155 -11.04 -11.86 -12.66
N ALA A 156 -11.04 -12.95 -13.32
CA ALA A 156 -12.35 -13.62 -13.51
C ALA A 156 -13.04 -14.13 -12.17
N ILE A 157 -12.16 -14.73 -11.25
CA ILE A 157 -12.82 -15.11 -10.02
C ILE A 157 -13.35 -14.02 -9.03
N CYS A 158 -12.46 -12.97 -8.98
CA CYS A 158 -12.73 -11.80 -8.17
C CYS A 158 -13.87 -10.99 -8.79
N SER A 159 -13.93 -11.27 -10.11
CA SER A 159 -15.01 -10.74 -10.98
C SER A 159 -16.42 -11.31 -11.07
N SER A 160 -16.53 -12.58 -11.29
CA SER A 160 -17.77 -13.19 -10.65
C SER A 160 -18.62 -12.48 -9.50
N SER A 161 -19.94 -12.77 -9.53
CA SER A 161 -20.90 -12.14 -8.61
C SER A 161 -20.87 -12.44 -7.08
N SER A 162 -20.37 -13.65 -6.80
CA SER A 162 -20.22 -14.14 -5.39
C SER A 162 -19.05 -13.34 -4.70
N TYR A 163 -18.22 -12.71 -5.63
CA TYR A 163 -17.03 -11.94 -5.03
C TYR A 163 -17.24 -10.42 -5.35
N TRP A 164 -16.41 -9.80 -6.17
CA TRP A 164 -16.75 -8.35 -6.14
C TRP A 164 -17.80 -7.81 -7.14
N GLY A 165 -18.28 -8.76 -7.85
CA GLY A 165 -18.72 -8.46 -9.17
C GLY A 165 -17.98 -7.60 -10.09
N SER A 166 -18.72 -6.49 -10.23
CA SER A 166 -18.55 -5.43 -11.24
C SER A 166 -17.62 -4.39 -10.70
N THR A 167 -17.48 -4.58 -9.42
CA THR A 167 -16.92 -3.37 -8.91
C THR A 167 -15.45 -3.36 -8.97
N VAL A 168 -14.92 -4.51 -9.12
CA VAL A 168 -13.51 -4.64 -9.39
C VAL A 168 -13.40 -4.38 -10.86
N LYS A 169 -12.29 -3.67 -11.23
CA LYS A 169 -11.72 -3.90 -12.53
C LYS A 169 -10.33 -4.45 -12.82
N ASN A 170 -9.99 -4.44 -14.11
CA ASN A 170 -8.71 -5.13 -14.35
C ASN A 170 -7.41 -4.35 -14.23
N SER A 171 -7.57 -3.02 -13.90
CA SER A 171 -6.47 -2.22 -13.48
C SER A 171 -6.27 -2.50 -11.95
N MET A 172 -6.92 -3.54 -11.35
CA MET A 172 -6.81 -3.85 -9.89
C MET A 172 -6.37 -5.27 -9.62
N VAL A 173 -5.99 -5.59 -8.31
CA VAL A 173 -5.59 -6.95 -7.98
C VAL A 173 -6.36 -7.37 -6.76
N CYS A 174 -6.91 -8.60 -6.78
CA CYS A 174 -7.51 -9.02 -5.54
C CYS A 174 -6.57 -10.06 -4.87
N ALA A 175 -6.49 -9.97 -3.54
CA ALA A 175 -5.70 -10.93 -2.77
C ALA A 175 -6.46 -11.04 -1.45
N GLY A 176 -6.61 -12.31 -0.94
CA GLY A 176 -7.08 -12.77 0.37
C GLY A 176 -8.56 -13.23 0.22
N GLY A 177 -9.49 -12.76 1.11
CA GLY A 177 -10.94 -13.13 0.77
C GLY A 177 -11.45 -14.56 1.42
N ASP A 178 -10.55 -15.10 2.31
CA ASP A 178 -10.75 -16.08 3.36
C ASP A 178 -11.48 -15.87 4.65
N GLY A 179 -11.89 -14.61 4.91
CA GLY A 179 -12.60 -14.29 6.19
C GLY A 179 -11.84 -13.99 7.47
N VAL A 180 -10.54 -14.23 7.43
CA VAL A 180 -9.67 -14.26 8.67
C VAL A 180 -8.50 -13.17 8.60
N ARG A 181 -7.84 -13.21 7.42
CA ARG A 181 -6.87 -12.21 7.11
C ARG A 181 -7.19 -11.20 5.97
N SER A 182 -6.75 -9.92 6.24
CA SER A 182 -7.04 -8.87 5.25
C SER A 182 -6.39 -7.58 5.50
N GLY A 183 -6.33 -6.74 4.49
CA GLY A 183 -6.14 -5.29 4.78
C GLY A 183 -7.23 -4.65 5.60
N CYS A 184 -6.98 -3.51 6.17
CA CYS A 184 -8.01 -2.76 6.95
C CYS A 184 -7.64 -1.24 7.06
N GLN A 185 -8.42 -0.37 7.70
CA GLN A 185 -8.03 1.10 7.47
C GLN A 185 -6.66 1.44 8.13
N GLY A 186 -5.96 2.34 7.48
CA GLY A 186 -4.48 2.60 7.86
C GLY A 186 -3.50 1.64 7.10
N ASP A 187 -3.95 0.54 6.46
CA ASP A 187 -3.04 -0.12 5.52
C ASP A 187 -3.11 0.52 4.12
N SER A 188 -4.19 1.25 3.78
CA SER A 188 -4.24 1.97 2.49
C SER A 188 -2.96 2.64 1.98
N GLY A 189 -2.68 2.43 0.64
CA GLY A 189 -1.53 2.99 0.10
C GLY A 189 -0.31 2.23 0.29
N GLY A 190 -0.38 1.20 1.10
CA GLY A 190 0.81 0.42 1.08
C GLY A 190 0.93 -0.76 0.13
N PRO A 191 2.09 -1.55 0.29
CA PRO A 191 2.49 -2.55 -0.74
C PRO A 191 1.74 -3.85 -0.50
N LEU A 192 1.62 -4.48 -1.63
CA LEU A 192 1.35 -5.92 -1.79
C LEU A 192 2.62 -6.46 -2.44
N HIS A 193 3.37 -7.24 -1.63
CA HIS A 193 4.65 -7.91 -2.07
C HIS A 193 4.38 -9.35 -2.56
N CYS A 194 4.53 -9.58 -3.79
CA CYS A 194 4.41 -10.88 -4.39
C CYS A 194 5.83 -11.58 -4.78
N LEU A 195 5.89 -12.83 -4.48
CA LEU A 195 7.08 -13.57 -4.95
C LEU A 195 7.04 -14.04 -6.47
N VAL A 196 7.92 -13.55 -7.22
CA VAL A 196 8.02 -13.89 -8.64
C VAL A 196 9.44 -13.93 -9.06
N ASN A 197 9.65 -15.09 -9.66
CA ASN A 197 11.08 -15.62 -9.95
C ASN A 197 12.15 -15.33 -8.89
N GLY A 198 11.86 -15.90 -7.72
CA GLY A 198 12.59 -15.64 -6.57
C GLY A 198 12.76 -14.22 -6.05
N GLN A 199 12.10 -13.21 -6.52
CA GLN A 199 12.31 -11.97 -5.72
C GLN A 199 10.99 -11.34 -5.37
N TYR A 200 10.91 -10.75 -4.15
CA TYR A 200 9.59 -10.11 -3.92
C TYR A 200 9.47 -8.81 -4.76
N ALA A 201 8.30 -8.60 -5.46
CA ALA A 201 8.16 -7.26 -6.04
C ALA A 201 6.77 -6.64 -5.61
N VAL A 202 6.66 -5.35 -5.72
CA VAL A 202 5.41 -4.74 -5.28
C VAL A 202 4.39 -4.66 -6.38
N HIS A 203 3.41 -5.58 -6.37
CA HIS A 203 2.42 -5.56 -7.44
C HIS A 203 1.14 -4.89 -7.03
N GLY A 204 0.89 -4.75 -5.70
CA GLY A 204 -0.33 -3.81 -5.54
C GLY A 204 -0.19 -2.55 -4.70
N VAL A 205 -0.96 -1.50 -4.85
CA VAL A 205 -1.17 -0.56 -3.75
C VAL A 205 -2.61 -0.62 -3.10
N THR A 206 -2.52 -0.87 -1.74
CA THR A 206 -3.76 -1.15 -1.07
C THR A 206 -4.84 0.02 -1.25
N SER A 207 -6.03 -0.44 -1.68
CA SER A 207 -7.01 0.57 -2.08
C SER A 207 -8.18 0.60 -1.19
N PHE A 208 -8.88 -0.58 -1.18
CA PHE A 208 -10.22 -0.71 -0.63
C PHE A 208 -10.62 -2.16 -0.19
N VAL A 209 -11.43 -2.10 0.88
CA VAL A 209 -12.14 -3.29 1.31
C VAL A 209 -13.61 -2.99 1.49
N SER A 210 -14.36 -4.02 1.97
CA SER A 210 -15.86 -3.91 1.68
C SER A 210 -16.55 -3.12 2.80
N ARG A 211 -17.77 -2.51 2.52
CA ARG A 211 -18.45 -1.89 3.71
C ARG A 211 -18.99 -2.78 4.81
N LEU A 212 -19.03 -4.07 4.50
CA LEU A 212 -19.43 -4.94 5.62
C LEU A 212 -18.32 -5.23 6.51
N GLY A 213 -17.13 -4.73 6.17
CA GLY A 213 -16.01 -5.13 7.05
C GLY A 213 -14.69 -5.50 6.35
N CYS A 214 -13.61 -5.48 7.13
CA CYS A 214 -12.23 -5.72 6.63
C CYS A 214 -11.96 -7.06 6.17
N ASN A 215 -12.14 -8.07 7.13
CA ASN A 215 -11.93 -9.54 6.78
C ASN A 215 -13.26 -10.28 6.56
N VAL A 216 -13.75 -10.11 5.34
CA VAL A 216 -14.95 -10.80 4.95
C VAL A 216 -14.79 -11.87 3.95
N THR A 217 -15.32 -13.05 4.27
CA THR A 217 -15.14 -14.05 3.13
C THR A 217 -15.62 -13.67 1.76
N ARG A 218 -14.90 -14.07 0.70
CA ARG A 218 -15.24 -13.57 -0.62
C ARG A 218 -15.29 -12.03 -0.99
N LYS A 219 -14.86 -11.23 -0.03
CA LYS A 219 -14.55 -9.86 -0.51
C LYS A 219 -13.09 -9.55 -0.19
N PRO A 220 -12.26 -10.04 -1.15
CA PRO A 220 -10.85 -9.80 -0.97
C PRO A 220 -10.50 -8.32 -0.91
N THR A 221 -9.38 -8.07 -0.19
CA THR A 221 -8.77 -6.72 -0.26
C THR A 221 -8.44 -6.32 -1.65
N VAL A 222 -8.80 -5.08 -1.94
CA VAL A 222 -8.44 -4.86 -3.32
C VAL A 222 -7.36 -3.83 -3.53
N PHE A 223 -6.56 -3.88 -4.52
CA PHE A 223 -5.41 -2.97 -4.67
C PHE A 223 -5.29 -2.52 -6.11
N THR A 224 -4.71 -1.35 -6.24
CA THR A 224 -4.26 -0.86 -7.53
C THR A 224 -3.17 -1.78 -8.07
N ARG A 225 -3.44 -2.19 -9.33
CA ARG A 225 -2.43 -3.01 -10.06
C ARG A 225 -1.29 -2.10 -10.60
N VAL A 226 -0.23 -2.04 -9.85
CA VAL A 226 1.00 -1.34 -10.22
C VAL A 226 1.45 -1.48 -11.67
N SER A 227 1.40 -2.85 -12.10
CA SER A 227 1.79 -3.13 -13.49
C SER A 227 1.00 -2.48 -14.62
N ALA A 228 -0.24 -2.03 -14.40
CA ALA A 228 -0.96 -1.09 -15.35
C ALA A 228 -0.50 0.35 -15.36
N TYR A 229 0.33 0.84 -14.39
CA TYR A 229 0.71 2.28 -14.27
C TYR A 229 2.25 2.58 -14.39
N ILE A 230 3.06 1.47 -14.64
CA ILE A 230 4.52 1.67 -15.00
C ILE A 230 4.97 2.92 -15.82
N SER A 231 4.18 3.06 -17.02
CA SER A 231 4.53 4.22 -17.82
C SER A 231 4.14 5.56 -17.24
N TRP A 232 2.97 5.57 -16.60
CA TRP A 232 2.71 6.81 -15.85
C TRP A 232 3.77 7.28 -14.74
N ILE A 233 4.21 6.18 -14.03
CA ILE A 233 5.21 6.38 -12.91
C ILE A 233 6.50 7.05 -13.45
N ASN A 234 7.11 6.28 -14.40
CA ASN A 234 8.35 6.72 -15.03
C ASN A 234 8.23 8.22 -15.72
N ASN A 235 7.17 8.41 -16.44
CA ASN A 235 6.81 9.84 -16.95
C ASN A 235 6.70 10.93 -15.85
N VAL A 236 6.03 10.54 -14.68
CA VAL A 236 6.06 11.55 -13.57
C VAL A 236 7.43 11.84 -13.09
N ILE A 237 8.16 10.74 -12.91
CA ILE A 237 9.49 10.90 -12.21
C ILE A 237 10.56 11.67 -13.01
N ALA A 238 10.58 11.38 -14.29
CA ALA A 238 11.19 12.14 -15.37
C ALA A 238 10.99 13.66 -15.50
N SER A 239 9.71 13.93 -15.41
CA SER A 239 9.21 15.28 -15.26
C SER A 239 9.46 16.05 -14.03
N ASN A 240 9.53 15.30 -12.97
CA ASN A 240 8.98 15.67 -11.66
C ASN A 240 7.57 16.11 -11.61
#